data_6Z1E
#
_entry.id   6Z1E
#
_cell.length_a   112.920
_cell.length_b   112.920
_cell.length_c   284.327
_cell.angle_alpha   90.000
_cell.angle_beta   90.000
_cell.angle_gamma   120.000
#
_symmetry.space_group_name_H-M   'H 3 2'
#
loop_
_entity.id
_entity.type
_entity.pdbx_description
1 polymer 'Ribulose bisphosphate carboxylase/oxygenase activase'
2 non-polymer 'CHLORIDE ION'
3 non-polymer "ADENOSINE-5'-DIPHOSPHATE"
4 water water
#
_entity_poly.entity_id   1
_entity_poly.type   'polypeptide(L)'
_entity_poly.pdbx_seq_one_letter_code
;SYYIAPRFLDKLAVHITKNFLNIPGVRVPLILGIHGRKGEGKTFQCELAFEKMGIEVTLISGGELESPDAGDPARLIRLR
YRETAELIKVRGKMCVLMINDLDAGAGRFDEGTQYTVNTQLVNATLMNIADNPTDVQLPGSYDSNPIRRVPIIVTGNDFS
TLYAPLIRDGRMEKFYWEPNRDDKVGIVGGIFAEDGLSQREIEQLVDTFPKQSIDFFSALRSRIYDIQIRDFIHKVGFER
ISLRVVNSLEAPPEFKKPDFSLAHLIESGNLVLGEQQRVDNSQLVDEYNR
;
_entity_poly.pdbx_strand_id   A,B
#
loop_
_chem_comp.id
_chem_comp.type
_chem_comp.name
_chem_comp.formula
ADP non-polymer ADENOSINE-5'-DIPHOSPHATE 'C10 H15 N5 O10 P2'
CL non-polymer 'CHLORIDE ION' 'Cl -1'
#
# COMPACT_ATOMS: atom_id res chain seq x y z
N SER A 1 11.64 -18.06 -22.18
CA SER A 1 11.85 -19.09 -21.19
C SER A 1 11.28 -18.71 -19.83
N TYR A 2 11.23 -17.39 -19.56
CA TYR A 2 10.72 -16.91 -18.28
C TYR A 2 9.21 -16.71 -18.32
N TYR A 3 8.54 -17.21 -17.29
CA TYR A 3 7.09 -17.17 -17.20
C TYR A 3 6.63 -15.90 -16.48
N ILE A 4 5.75 -15.16 -17.13
CA ILE A 4 5.13 -13.98 -16.53
C ILE A 4 3.77 -14.38 -15.98
N ALA A 5 3.56 -14.15 -14.70
CA ALA A 5 2.26 -14.42 -14.09
C ALA A 5 1.24 -13.49 -14.73
N PRO A 6 0.21 -14.06 -15.39
CA PRO A 6 -0.80 -13.22 -16.07
C PRO A 6 -1.39 -12.14 -15.18
N ARG A 7 -1.79 -12.50 -13.96
CA ARG A 7 -2.43 -11.54 -13.07
C ARG A 7 -1.45 -10.45 -12.64
N PHE A 8 -0.16 -10.78 -12.63
CA PHE A 8 0.86 -9.77 -12.32
C PHE A 8 1.00 -8.80 -13.50
N LEU A 9 1.03 -9.34 -14.71
CA LEU A 9 1.14 -8.53 -15.91
C LEU A 9 -0.11 -7.66 -16.09
N ASP A 10 -1.28 -8.25 -15.83
CA ASP A 10 -2.54 -7.52 -15.95
C ASP A 10 -2.59 -6.33 -14.99
N LYS A 11 -2.29 -6.59 -13.72
CA LYS A 11 -2.36 -5.55 -12.69
C LYS A 11 -1.47 -4.37 -13.03
N LEU A 12 -0.27 -4.68 -13.52
CA LEU A 12 0.73 -3.66 -13.79
C LEU A 12 0.43 -2.93 -15.10
N ALA A 13 -0.11 -3.66 -16.08
CA ALA A 13 -0.45 -3.08 -17.37
C ALA A 13 -1.70 -2.23 -17.26
N VAL A 14 -2.67 -2.69 -16.47
CA VAL A 14 -3.90 -1.94 -16.25
C VAL A 14 -3.58 -0.66 -15.49
N HIS A 15 -2.69 -0.74 -14.51
CA HIS A 15 -2.36 0.42 -13.71
C HIS A 15 -1.72 1.51 -14.55
N ILE A 16 -0.77 1.12 -15.40
CA ILE A 16 -0.06 2.06 -16.26
C ILE A 16 -0.99 2.64 -17.31
N THR A 17 -1.66 1.77 -18.06
CA THR A 17 -2.57 2.19 -19.12
C THR A 17 -3.67 3.11 -18.60
N LYS A 18 -4.17 2.79 -17.41
CA LYS A 18 -5.25 3.54 -16.80
C LYS A 18 -4.79 4.97 -16.51
N ASN A 19 -3.49 5.14 -16.28
CA ASN A 19 -2.92 6.45 -16.01
C ASN A 19 -2.69 7.29 -17.28
N PHE A 20 -2.84 6.67 -18.45
CA PHE A 20 -2.73 7.39 -19.72
C PHE A 20 -4.10 7.56 -20.39
N LEU A 21 -5.14 6.98 -19.79
CA LEU A 21 -6.51 7.20 -20.23
C LEU A 21 -7.17 8.21 -19.30
N ASN A 22 -8.14 8.95 -19.82
CA ASN A 22 -8.88 9.93 -19.01
C ASN A 22 -10.33 9.51 -18.85
N ILE A 23 -10.54 8.41 -18.14
CA ILE A 23 -11.87 7.86 -17.94
C ILE A 23 -12.59 8.52 -16.76
N PRO A 24 -13.72 9.19 -17.02
CA PRO A 24 -14.45 9.80 -15.91
C PRO A 24 -15.21 8.75 -15.10
N GLY A 25 -15.81 9.15 -13.99
CA GLY A 25 -16.62 8.26 -13.19
C GLY A 25 -15.80 7.46 -12.18
N VAL A 26 -14.48 7.48 -12.32
CA VAL A 26 -13.60 6.80 -11.38
C VAL A 26 -12.27 7.53 -11.27
N ARG A 27 -11.73 7.58 -10.06
CA ARG A 27 -10.42 8.18 -9.84
C ARG A 27 -9.34 7.13 -10.10
N VAL A 28 -8.31 7.55 -10.81
CA VAL A 28 -7.19 6.67 -11.14
C VAL A 28 -6.06 6.88 -10.13
N PRO A 29 -5.60 5.80 -9.47
CA PRO A 29 -4.44 5.97 -8.59
C PRO A 29 -3.17 6.17 -9.41
N LEU A 30 -2.34 7.14 -8.99
CA LEU A 30 -1.08 7.41 -9.67
C LEU A 30 -0.04 6.36 -9.29
N ILE A 31 -0.15 5.87 -8.06
CA ILE A 31 0.87 5.01 -7.47
C ILE A 31 0.37 3.57 -7.28
N LEU A 32 1.17 2.61 -7.73
CA LEU A 32 0.93 1.20 -7.46
C LEU A 32 1.99 0.67 -6.52
N GLY A 33 1.57 0.25 -5.33
CA GLY A 33 2.50 -0.28 -4.35
C GLY A 33 2.49 -1.79 -4.34
N ILE A 34 3.57 -2.39 -4.83
CA ILE A 34 3.68 -3.83 -4.89
C ILE A 34 4.51 -4.34 -3.72
N HIS A 35 3.87 -5.09 -2.82
CA HIS A 35 4.55 -5.63 -1.65
C HIS A 35 4.40 -7.13 -1.53
N GLY A 36 5.24 -7.73 -0.71
CA GLY A 36 5.32 -9.16 -0.55
C GLY A 36 6.73 -9.52 -0.18
N ARG A 37 6.99 -10.77 0.16
CA ARG A 37 8.30 -11.15 0.66
C ARG A 37 9.35 -11.29 -0.45
N LYS A 38 10.60 -11.43 -0.03
CA LYS A 38 11.74 -11.51 -0.93
C LYS A 38 11.79 -12.83 -1.70
N GLY A 39 12.36 -12.80 -2.90
CA GLY A 39 12.62 -14.01 -3.66
C GLY A 39 11.41 -14.55 -4.39
N GLU A 40 10.42 -13.70 -4.62
CA GLU A 40 9.20 -14.09 -5.31
C GLU A 40 9.09 -13.44 -6.69
N GLY A 41 10.10 -12.65 -7.04
CA GLY A 41 10.17 -12.06 -8.37
C GLY A 41 9.33 -10.81 -8.54
N LYS A 42 9.16 -10.04 -7.47
CA LYS A 42 8.46 -8.77 -7.55
C LYS A 42 9.03 -7.91 -8.66
N THR A 43 10.29 -7.50 -8.48
CA THR A 43 10.96 -6.63 -9.42
C THR A 43 11.17 -7.31 -10.77
N PHE A 44 11.43 -8.61 -10.75
CA PHE A 44 11.73 -9.33 -11.98
C PHE A 44 10.51 -9.40 -12.88
N GLN A 45 9.35 -9.57 -12.27
CA GLN A 45 8.09 -9.62 -13.01
C GLN A 45 7.75 -8.26 -13.58
N CYS A 46 8.09 -7.20 -12.84
CA CYS A 46 7.92 -5.84 -13.34
C CYS A 46 8.74 -5.63 -14.60
N GLU A 47 9.98 -6.08 -14.58
CA GLU A 47 10.89 -5.90 -15.71
C GLU A 47 10.41 -6.67 -16.93
N LEU A 48 9.88 -7.86 -16.71
CA LEU A 48 9.35 -8.67 -17.80
C LEU A 48 8.15 -7.97 -18.43
N ALA A 49 7.35 -7.30 -17.59
CA ALA A 49 6.17 -6.58 -18.07
C ALA A 49 6.58 -5.32 -18.85
N PHE A 50 7.56 -4.59 -18.34
CA PHE A 50 8.05 -3.39 -19.02
C PHE A 50 8.70 -3.72 -20.35
N GLU A 51 9.35 -4.87 -20.42
CA GLU A 51 9.96 -5.31 -21.67
C GLU A 51 8.85 -5.74 -22.63
N LYS A 52 7.88 -6.47 -22.10
CA LYS A 52 6.75 -6.94 -22.88
C LYS A 52 6.01 -5.79 -23.56
N MET A 53 5.83 -4.69 -22.83
CA MET A 53 5.04 -3.56 -23.32
C MET A 53 5.90 -2.44 -23.92
N GLY A 54 7.22 -2.62 -23.90
CA GLY A 54 8.13 -1.65 -24.47
C GLY A 54 8.15 -0.34 -23.69
N ILE A 55 8.04 -0.46 -22.36
CA ILE A 55 7.94 0.70 -21.48
C ILE A 55 9.30 1.06 -20.91
N GLU A 56 9.73 2.29 -21.17
CA GLU A 56 10.98 2.77 -20.62
C GLU A 56 10.77 3.17 -19.16
N VAL A 57 11.77 2.92 -18.33
CA VAL A 57 11.65 3.06 -16.88
C VAL A 57 12.73 3.94 -16.28
N THR A 58 12.30 4.95 -15.55
CA THR A 58 13.21 5.75 -14.73
C THR A 58 13.25 5.15 -13.35
N LEU A 59 14.44 4.81 -12.89
CA LEU A 59 14.59 4.03 -11.67
C LEU A 59 15.16 4.85 -10.53
N ILE A 60 14.63 4.61 -9.33
CA ILE A 60 15.18 5.15 -8.10
C ILE A 60 15.39 4.02 -7.12
N SER A 61 16.64 3.81 -6.73
CA SER A 61 17.00 2.79 -5.75
C SER A 61 16.66 3.28 -4.34
N GLY A 62 16.22 2.36 -3.49
CA GLY A 62 15.93 2.70 -2.11
C GLY A 62 17.20 3.07 -1.35
N GLY A 63 18.32 2.51 -1.79
CA GLY A 63 19.61 2.85 -1.22
C GLY A 63 20.04 4.23 -1.68
N GLU A 64 19.39 4.73 -2.72
CA GLU A 64 19.60 6.08 -3.20
C GLU A 64 18.87 7.07 -2.31
N LEU A 65 17.64 6.74 -1.95
CA LEU A 65 16.84 7.61 -1.09
C LEU A 65 17.32 7.56 0.35
N GLU A 66 18.12 6.55 0.67
CA GLU A 66 18.67 6.40 2.00
C GLU A 66 19.91 7.25 2.19
N SER A 67 20.57 7.57 1.08
CA SER A 67 21.87 8.25 1.11
C SER A 67 21.74 9.78 1.03
N PRO A 68 22.36 10.49 2.00
CA PRO A 68 22.49 11.95 1.90
C PRO A 68 23.15 12.41 0.60
N ASP A 69 23.94 11.54 -0.02
CA ASP A 69 24.57 11.87 -1.29
C ASP A 69 23.52 12.10 -2.38
N ALA A 70 22.31 11.63 -2.15
CA ALA A 70 21.18 11.90 -3.03
C ALA A 70 20.60 13.29 -2.71
N GLY A 71 21.20 13.97 -1.75
CA GLY A 71 20.71 15.27 -1.33
C GLY A 71 19.36 15.14 -0.70
N ASP A 72 18.41 15.95 -1.17
CA ASP A 72 17.05 15.91 -0.67
C ASP A 72 16.27 14.87 -1.46
N PRO A 73 15.76 13.82 -0.80
CA PRO A 73 15.03 12.80 -1.55
C PRO A 73 13.76 13.35 -2.20
N ALA A 74 13.14 14.33 -1.57
CA ALA A 74 11.97 14.99 -2.14
C ALA A 74 12.36 15.63 -3.46
N ARG A 75 13.55 16.19 -3.50
CA ARG A 75 14.07 16.85 -4.70
C ARG A 75 14.39 15.82 -5.79
N LEU A 76 15.04 14.74 -5.40
CA LEU A 76 15.39 13.66 -6.33
C LEU A 76 14.14 13.03 -6.97
N ILE A 77 13.15 12.68 -6.16
CA ILE A 77 11.91 12.09 -6.65
C ILE A 77 11.23 13.00 -7.66
N ARG A 78 11.23 14.31 -7.40
CA ARG A 78 10.58 15.27 -8.28
C ARG A 78 11.36 15.42 -9.59
N LEU A 79 12.68 15.49 -9.50
CA LEU A 79 13.53 15.55 -10.68
C LEU A 79 13.28 14.37 -11.61
N ARG A 80 13.35 13.16 -11.06
CA ARG A 80 13.14 11.94 -11.83
C ARG A 80 11.74 11.90 -12.39
N TYR A 81 10.78 12.45 -11.66
CA TYR A 81 9.41 12.55 -12.13
C TYR A 81 9.34 13.42 -13.38
N ARG A 82 9.85 14.64 -13.28
CA ARG A 82 9.85 15.57 -14.41
C ARG A 82 10.69 15.02 -15.57
N GLU A 83 11.73 14.28 -15.24
CA GLU A 83 12.58 13.64 -16.25
C GLU A 83 11.78 12.60 -17.04
N THR A 84 10.99 11.81 -16.32
CA THR A 84 10.18 10.76 -16.95
C THR A 84 9.03 11.36 -17.75
N ALA A 85 8.52 12.50 -17.30
CA ALA A 85 7.40 13.14 -17.97
C ALA A 85 7.81 13.68 -19.34
N GLU A 86 8.99 14.27 -19.42
CA GLU A 86 9.53 14.77 -20.67
C GLU A 86 9.68 13.66 -21.71
N LEU A 87 10.11 12.49 -21.26
CA LEU A 87 10.29 11.36 -22.14
C LEU A 87 8.97 10.91 -22.77
N ILE A 88 7.87 11.16 -22.08
CA ILE A 88 6.56 10.85 -22.63
C ILE A 88 6.25 11.80 -23.77
N LYS A 89 6.56 13.08 -23.57
CA LYS A 89 6.32 14.10 -24.59
C LYS A 89 7.26 13.92 -25.78
N VAL A 90 8.48 13.49 -25.51
CA VAL A 90 9.50 13.32 -26.55
C VAL A 90 9.35 11.99 -27.27
N ARG A 91 9.51 10.90 -26.53
CA ARG A 91 9.47 9.56 -27.11
C ARG A 91 8.07 9.24 -27.64
N GLY A 92 7.06 9.86 -27.05
CA GLY A 92 5.69 9.60 -27.42
C GLY A 92 5.30 8.16 -27.12
N LYS A 93 5.73 7.68 -25.96
CA LYS A 93 5.45 6.32 -25.53
C LYS A 93 5.19 6.31 -24.02
N MET A 94 4.67 5.20 -23.51
CA MET A 94 4.41 5.07 -22.08
C MET A 94 5.73 4.99 -21.32
N CYS A 95 5.88 5.84 -20.32
CA CYS A 95 7.07 5.86 -19.48
C CYS A 95 6.63 5.80 -18.02
N VAL A 96 7.47 5.19 -17.19
CA VAL A 96 7.12 4.93 -15.80
C VAL A 96 8.25 5.32 -14.86
N LEU A 97 7.88 5.90 -13.71
CA LEU A 97 8.82 6.13 -12.64
C LEU A 97 8.68 4.97 -11.67
N MET A 98 9.80 4.39 -11.25
CA MET A 98 9.76 3.26 -10.33
C MET A 98 10.75 3.43 -9.19
N ILE A 99 10.23 3.25 -7.97
CA ILE A 99 11.04 3.34 -6.77
C ILE A 99 11.14 1.96 -6.13
N ASN A 100 12.34 1.40 -6.16
CA ASN A 100 12.58 0.04 -5.73
C ASN A 100 13.07 -0.07 -4.28
N ASP A 101 12.60 -1.12 -3.59
CA ASP A 101 13.02 -1.41 -2.23
C ASP A 101 12.82 -0.21 -1.32
N LEU A 102 11.60 0.32 -1.31
CA LEU A 102 11.30 1.55 -0.60
C LEU A 102 11.58 1.48 0.90
N ASP A 103 11.76 0.26 1.42
CA ASP A 103 12.18 0.05 2.80
C ASP A 103 13.49 -0.72 2.85
N ALA A 104 14.58 -0.02 2.52
CA ALA A 104 15.89 -0.65 2.33
C ALA A 104 16.36 -1.49 3.54
N GLY A 105 16.77 -0.82 4.61
CA GLY A 105 17.30 -1.49 5.78
C GLY A 105 16.36 -1.48 6.97
N ALA A 106 15.14 -1.96 6.76
CA ALA A 106 14.12 -2.00 7.80
C ALA A 106 13.80 -3.45 8.17
N GLY A 107 13.66 -3.70 9.47
CA GLY A 107 13.33 -5.04 9.95
C GLY A 107 14.51 -5.98 10.01
N ARG A 108 14.35 -7.14 9.37
CA ARG A 108 15.39 -8.18 9.38
C ARG A 108 16.58 -7.81 8.49
N PHE A 109 16.53 -6.63 7.88
CA PHE A 109 17.61 -6.14 7.03
C PHE A 109 18.25 -4.92 7.67
N ASP A 110 17.91 -4.67 8.92
CA ASP A 110 18.43 -3.51 9.64
C ASP A 110 19.86 -3.78 10.08
N GLU A 111 20.77 -2.90 9.67
CA GLU A 111 22.18 -3.06 9.98
C GLU A 111 22.59 -2.14 11.13
N GLY A 112 21.62 -1.43 11.69
CA GLY A 112 21.83 -0.65 12.90
C GLY A 112 22.77 0.52 12.68
N THR A 113 22.66 1.15 11.53
CA THR A 113 23.46 2.33 11.20
C THR A 113 22.62 3.58 11.38
N GLN A 114 23.29 4.73 11.29
CA GLN A 114 22.62 6.02 11.48
C GLN A 114 21.65 6.30 10.33
N TYR A 115 21.99 5.81 9.14
CA TYR A 115 21.27 6.18 7.92
C TYR A 115 20.09 5.26 7.62
N THR A 116 18.92 5.87 7.39
CA THR A 116 17.72 5.16 6.98
C THR A 116 16.89 6.07 6.09
N VAL A 117 16.06 5.45 5.26
CA VAL A 117 15.20 6.19 4.34
C VAL A 117 14.22 7.07 5.12
N ASN A 118 14.25 8.36 4.85
CA ASN A 118 13.29 9.28 5.44
C ASN A 118 11.90 9.01 4.88
N THR A 119 11.29 7.93 5.34
CA THR A 119 10.05 7.43 4.77
C THR A 119 8.92 8.47 4.84
N GLN A 120 8.96 9.31 5.87
CA GLN A 120 7.92 10.32 6.05
C GLN A 120 8.03 11.44 5.02
N LEU A 121 9.25 11.76 4.63
CA LEU A 121 9.46 12.77 3.60
C LEU A 121 9.11 12.21 2.23
N VAL A 122 9.49 10.95 2.00
CA VAL A 122 9.14 10.27 0.75
C VAL A 122 7.63 10.18 0.61
N ASN A 123 6.96 9.74 1.67
CA ASN A 123 5.51 9.69 1.70
C ASN A 123 4.89 11.06 1.42
N ALA A 124 5.39 12.08 2.13
CA ALA A 124 4.90 13.44 1.95
C ALA A 124 5.05 13.91 0.50
N THR A 125 6.17 13.56 -0.12
CA THR A 125 6.43 13.95 -1.50
C THR A 125 5.44 13.29 -2.45
N LEU A 126 5.31 11.97 -2.35
CA LEU A 126 4.38 11.22 -3.19
C LEU A 126 2.95 11.74 -3.03
N MET A 127 2.61 12.17 -1.82
CA MET A 127 1.30 12.75 -1.56
C MET A 127 1.13 14.08 -2.30
N ASN A 128 2.17 14.91 -2.28
CA ASN A 128 2.12 16.18 -2.97
C ASN A 128 2.02 15.99 -4.48
N ILE A 129 2.82 15.06 -5.01
CA ILE A 129 2.79 14.74 -6.43
C ILE A 129 1.43 14.19 -6.83
N ALA A 130 0.96 13.19 -6.10
CA ALA A 130 -0.29 12.50 -6.43
C ALA A 130 -1.49 13.45 -6.44
N ASP A 131 -1.46 14.46 -5.57
CA ASP A 131 -2.54 15.44 -5.50
C ASP A 131 -2.61 16.28 -6.79
N ASN A 132 -1.47 16.50 -7.42
CA ASN A 132 -1.41 17.27 -8.66
C ASN A 132 -0.26 16.80 -9.57
N PRO A 133 -0.44 15.67 -10.26
CA PRO A 133 0.60 15.04 -11.10
C PRO A 133 1.06 15.92 -12.26
N THR A 134 0.28 16.93 -12.60
CA THR A 134 0.55 17.80 -13.74
C THR A 134 1.44 18.98 -13.35
N ASP A 135 1.43 19.32 -12.06
CA ASP A 135 2.19 20.45 -11.55
C ASP A 135 3.18 19.97 -10.49
N VAL A 136 4.32 19.46 -10.95
CA VAL A 136 5.35 18.94 -10.06
C VAL A 136 6.61 19.77 -10.19
N GLN A 137 6.73 20.79 -9.34
CA GLN A 137 7.86 21.70 -9.37
C GLN A 137 8.91 21.27 -8.36
N LEU A 138 10.17 21.56 -8.64
CA LEU A 138 11.22 21.38 -7.65
C LEU A 138 11.04 22.40 -6.53
N PRO A 139 11.47 22.05 -5.31
CA PRO A 139 11.35 22.98 -4.18
C PRO A 139 12.09 24.31 -4.43
N GLY A 140 11.32 25.39 -4.56
CA GLY A 140 11.88 26.70 -4.86
C GLY A 140 11.43 27.23 -6.21
N SER A 141 11.26 26.34 -7.17
CA SER A 141 10.80 26.71 -8.51
C SER A 141 9.28 26.84 -8.53
N TYR A 142 8.78 27.80 -9.32
CA TYR A 142 7.34 28.09 -9.36
C TYR A 142 6.82 28.29 -10.77
N ASP A 143 7.55 29.03 -11.58
CA ASP A 143 7.14 29.33 -12.94
C ASP A 143 7.53 28.21 -13.91
N SER A 144 6.64 27.23 -14.05
CA SER A 144 6.82 26.13 -15.00
C SER A 144 5.47 25.67 -15.55
N ASN A 145 5.45 25.27 -16.82
CA ASN A 145 4.21 24.88 -17.48
C ASN A 145 3.73 23.51 -17.03
N PRO A 146 2.44 23.20 -17.28
CA PRO A 146 1.89 21.88 -16.96
C PRO A 146 2.73 20.74 -17.55
N ILE A 147 2.80 19.64 -16.82
CA ILE A 147 3.65 18.50 -17.19
C ILE A 147 2.80 17.25 -17.36
N ARG A 148 3.30 16.28 -18.11
CA ARG A 148 2.60 15.02 -18.33
C ARG A 148 2.52 14.19 -17.05
N ARG A 149 1.36 13.57 -16.85
CA ARG A 149 1.13 12.65 -15.73
C ARG A 149 1.99 11.40 -15.89
N VAL A 150 2.71 11.03 -14.84
CA VAL A 150 3.61 9.87 -14.87
C VAL A 150 3.18 8.83 -13.86
N PRO A 151 2.85 7.60 -14.31
CA PRO A 151 2.48 6.58 -13.32
C PRO A 151 3.69 6.12 -12.52
N ILE A 152 3.47 5.87 -11.23
CA ILE A 152 4.54 5.50 -10.32
C ILE A 152 4.34 4.10 -9.76
N ILE A 153 5.39 3.29 -9.83
CA ILE A 153 5.39 1.96 -9.25
C ILE A 153 6.38 1.95 -8.10
N VAL A 154 5.94 1.53 -6.92
CA VAL A 154 6.83 1.39 -5.77
C VAL A 154 6.79 -0.06 -5.29
N THR A 155 7.97 -0.62 -5.01
CA THR A 155 8.07 -1.97 -4.47
C THR A 155 8.70 -1.94 -3.08
N GLY A 156 8.32 -2.91 -2.26
CA GLY A 156 8.84 -3.02 -0.90
C GLY A 156 8.35 -4.30 -0.26
N ASN A 157 8.87 -4.61 0.92
CA ASN A 157 8.42 -5.79 1.64
C ASN A 157 7.03 -5.53 2.20
N ASP A 158 6.84 -4.32 2.73
CA ASP A 158 5.52 -3.86 3.14
C ASP A 158 5.51 -2.33 3.09
N PHE A 159 4.33 -1.73 3.20
CA PHE A 159 4.19 -0.27 3.20
C PHE A 159 3.64 0.25 4.51
N SER A 160 4.27 1.30 5.03
CA SER A 160 3.92 1.90 6.30
C SER A 160 2.45 2.32 6.37
N THR A 161 1.99 2.60 7.58
CA THR A 161 0.65 3.15 7.80
C THR A 161 0.60 4.58 7.30
N LEU A 162 1.78 5.16 7.07
CA LEU A 162 1.87 6.52 6.54
C LEU A 162 1.24 6.60 5.15
N TYR A 163 1.12 5.46 4.48
CA TYR A 163 0.61 5.42 3.12
C TYR A 163 -0.90 5.23 3.08
N ALA A 164 -1.51 5.07 4.25
CA ALA A 164 -2.95 4.84 4.33
C ALA A 164 -3.76 6.00 3.75
N PRO A 165 -3.41 7.26 4.09
CA PRO A 165 -4.12 8.38 3.47
C PRO A 165 -4.08 8.38 1.95
N LEU A 166 -2.95 7.97 1.36
CA LEU A 166 -2.85 7.88 -0.09
C LEU A 166 -3.82 6.82 -0.62
N ILE A 167 -3.88 5.70 0.10
CA ILE A 167 -4.75 4.60 -0.29
C ILE A 167 -6.20 5.01 -0.10
N ARG A 168 -6.49 5.63 1.04
CA ARG A 168 -7.85 5.99 1.39
C ARG A 168 -8.47 6.98 0.40
N ASP A 169 -7.63 7.83 -0.18
CA ASP A 169 -8.07 8.79 -1.19
C ASP A 169 -7.87 8.26 -2.61
N GLY A 170 -7.55 6.97 -2.72
CA GLY A 170 -7.41 6.34 -4.03
C GLY A 170 -6.28 6.91 -4.87
N ARG A 171 -5.33 7.58 -4.20
CA ARG A 171 -4.13 8.08 -4.88
C ARG A 171 -3.12 6.95 -5.02
N MET A 172 -3.28 5.91 -4.21
CA MET A 172 -2.39 4.76 -4.23
C MET A 172 -3.19 3.46 -4.10
N GLU A 173 -2.71 2.42 -4.75
CA GLU A 173 -3.29 1.10 -4.65
C GLU A 173 -2.23 0.06 -4.28
N LYS A 174 -2.53 -0.72 -3.25
CA LYS A 174 -1.64 -1.78 -2.81
C LYS A 174 -1.90 -3.05 -3.60
N PHE A 175 -0.83 -3.71 -4.02
CA PHE A 175 -0.92 -5.02 -4.66
C PHE A 175 0.00 -6.01 -3.96
N TYR A 176 -0.60 -6.92 -3.20
CA TYR A 176 0.16 -7.94 -2.48
C TYR A 176 0.55 -9.07 -3.42
N TRP A 177 1.85 -9.34 -3.54
CA TRP A 177 2.35 -10.41 -4.40
C TRP A 177 2.85 -11.61 -3.58
N GLU A 178 2.03 -12.64 -3.53
CA GLU A 178 2.42 -13.95 -3.01
C GLU A 178 2.02 -14.98 -4.04
N PRO A 179 2.98 -15.56 -4.77
CA PRO A 179 2.59 -16.51 -5.81
C PRO A 179 1.77 -17.68 -5.28
N ASN A 180 0.62 -17.94 -5.91
CA ASN A 180 -0.21 -19.08 -5.51
C ASN A 180 0.28 -20.34 -6.22
N ARG A 181 -0.41 -21.45 -6.02
CA ARG A 181 0.03 -22.72 -6.60
C ARG A 181 0.07 -22.63 -8.12
N ASP A 182 -0.96 -22.04 -8.71
CA ASP A 182 -1.02 -21.89 -10.16
C ASP A 182 0.14 -21.05 -10.67
N ASP A 183 0.49 -20.00 -9.93
CA ASP A 183 1.61 -19.14 -10.29
C ASP A 183 2.93 -19.90 -10.23
N LYS A 184 3.13 -20.63 -9.14
CA LYS A 184 4.34 -21.43 -8.95
C LYS A 184 4.54 -22.46 -10.06
N VAL A 185 3.48 -23.21 -10.40
CA VAL A 185 3.56 -24.19 -11.47
C VAL A 185 4.03 -23.51 -12.74
N GLY A 186 3.50 -22.33 -13.02
CA GLY A 186 3.92 -21.53 -14.16
C GLY A 186 5.37 -21.11 -14.07
N ILE A 187 5.74 -20.46 -12.97
CA ILE A 187 7.09 -19.91 -12.81
C ILE A 187 8.14 -21.02 -12.74
N VAL A 188 7.91 -22.01 -11.88
CA VAL A 188 8.83 -23.14 -11.76
C VAL A 188 8.88 -23.93 -13.07
N GLY A 189 7.77 -23.94 -13.79
CA GLY A 189 7.72 -24.60 -15.08
C GLY A 189 8.69 -23.97 -16.05
N GLY A 190 8.74 -22.64 -16.04
CA GLY A 190 9.63 -21.89 -16.92
C GLY A 190 11.08 -22.05 -16.53
N ILE A 191 11.34 -22.26 -15.25
CA ILE A 191 12.70 -22.47 -14.76
C ILE A 191 13.27 -23.80 -15.25
N PHE A 192 12.41 -24.82 -15.25
CA PHE A 192 12.83 -26.16 -15.67
C PHE A 192 12.22 -26.49 -17.03
N ALA A 193 12.08 -25.49 -17.88
CA ALA A 193 11.38 -25.64 -19.15
C ALA A 193 12.16 -26.49 -20.14
N GLU A 194 13.48 -26.45 -20.06
CA GLU A 194 14.33 -27.16 -21.00
C GLU A 194 14.93 -28.43 -20.39
N ASP A 195 14.33 -28.88 -19.28
CA ASP A 195 14.87 -30.02 -18.54
C ASP A 195 14.00 -31.27 -18.68
N GLY A 196 13.10 -31.25 -19.66
CA GLY A 196 12.31 -32.43 -20.00
C GLY A 196 11.51 -32.99 -18.84
N LEU A 197 10.97 -32.10 -18.01
CA LEU A 197 10.07 -32.50 -16.94
C LEU A 197 8.63 -32.30 -17.39
N SER A 198 7.78 -33.25 -17.03
CA SER A 198 6.37 -33.19 -17.41
C SER A 198 5.64 -32.18 -16.56
N GLN A 199 4.36 -31.97 -16.88
CA GLN A 199 3.53 -31.03 -16.13
C GLN A 199 3.31 -31.55 -14.72
N ARG A 200 3.14 -32.87 -14.59
CA ARG A 200 2.87 -33.49 -13.30
C ARG A 200 4.09 -33.41 -12.38
N GLU A 201 5.27 -33.66 -12.94
CA GLU A 201 6.50 -33.63 -12.16
C GLU A 201 6.76 -32.23 -11.64
N ILE A 202 6.47 -31.23 -12.47
CA ILE A 202 6.61 -29.85 -12.05
C ILE A 202 5.60 -29.53 -10.95
N GLU A 203 4.39 -30.08 -11.06
CA GLU A 203 3.40 -29.94 -10.00
C GLU A 203 3.87 -30.63 -8.72
N GLN A 204 4.49 -31.80 -8.88
CA GLN A 204 4.99 -32.55 -7.73
C GLN A 204 6.14 -31.79 -7.05
N LEU A 205 6.99 -31.17 -7.85
CA LEU A 205 8.09 -30.37 -7.32
C LEU A 205 7.54 -29.22 -6.48
N VAL A 206 6.54 -28.52 -7.00
CA VAL A 206 5.91 -27.42 -6.27
C VAL A 206 5.22 -27.93 -5.01
N ASP A 207 4.52 -29.06 -5.13
CA ASP A 207 3.76 -29.60 -4.01
C ASP A 207 4.66 -30.18 -2.93
N THR A 208 5.89 -30.52 -3.30
CA THR A 208 6.86 -31.09 -2.35
C THR A 208 7.43 -30.00 -1.45
N PHE A 209 7.49 -28.77 -1.96
CA PHE A 209 8.05 -27.63 -1.23
C PHE A 209 7.09 -26.45 -1.29
N PRO A 210 5.90 -26.62 -0.69
CA PRO A 210 4.80 -25.65 -0.83
C PRO A 210 5.05 -24.30 -0.17
N LYS A 211 5.95 -24.25 0.81
CA LYS A 211 6.19 -23.01 1.56
C LYS A 211 7.40 -22.22 1.06
N GLN A 212 8.11 -22.77 0.09
CA GLN A 212 9.34 -22.14 -0.40
C GLN A 212 9.07 -21.05 -1.44
N SER A 213 10.05 -20.17 -1.62
CA SER A 213 9.96 -19.07 -2.57
C SER A 213 10.41 -19.51 -3.95
N ILE A 214 10.15 -18.67 -4.94
CA ILE A 214 10.60 -18.92 -6.30
C ILE A 214 12.12 -19.10 -6.36
N ASP A 215 12.84 -18.31 -5.57
CA ASP A 215 14.30 -18.39 -5.57
C ASP A 215 14.82 -19.74 -5.08
N PHE A 216 14.05 -20.41 -4.23
CA PHE A 216 14.42 -21.73 -3.74
C PHE A 216 14.54 -22.74 -4.89
N PHE A 217 13.66 -22.60 -5.88
CA PHE A 217 13.59 -23.57 -6.97
C PHE A 217 14.66 -23.32 -8.03
N SER A 218 14.95 -22.06 -8.30
CA SER A 218 15.99 -21.72 -9.25
C SER A 218 17.36 -22.09 -8.67
N ALA A 219 17.49 -21.93 -7.36
CA ALA A 219 18.72 -22.30 -6.67
C ALA A 219 18.90 -23.80 -6.73
N LEU A 220 17.78 -24.50 -6.69
CA LEU A 220 17.78 -25.96 -6.73
C LEU A 220 18.39 -26.42 -8.04
N ARG A 221 18.06 -25.73 -9.13
CA ARG A 221 18.55 -26.10 -10.45
C ARG A 221 20.03 -25.78 -10.64
N SER A 222 20.48 -24.70 -10.02
CA SER A 222 21.82 -24.17 -10.28
C SER A 222 22.93 -25.05 -9.72
N ARG A 223 22.65 -25.74 -8.62
CA ARG A 223 23.68 -26.49 -7.92
C ARG A 223 24.09 -27.77 -8.65
N ILE A 224 23.36 -28.12 -9.70
CA ILE A 224 23.61 -29.37 -10.42
C ILE A 224 24.84 -29.26 -11.32
N TYR A 225 25.22 -28.03 -11.66
CA TYR A 225 26.37 -27.80 -12.52
C TYR A 225 27.69 -28.01 -11.77
N ASP A 226 27.62 -28.25 -10.47
CA ASP A 226 28.81 -28.22 -9.63
C ASP A 226 29.83 -29.30 -9.98
N ILE A 227 29.34 -30.48 -10.37
CA ILE A 227 30.23 -31.58 -10.76
C ILE A 227 31.07 -31.20 -11.98
N GLN A 228 30.43 -30.63 -12.99
CA GLN A 228 31.14 -30.14 -14.18
C GLN A 228 32.17 -29.09 -13.79
N ILE A 229 31.80 -28.21 -12.86
CA ILE A 229 32.70 -27.15 -12.41
C ILE A 229 33.90 -27.75 -11.69
N ARG A 230 33.65 -28.73 -10.83
CA ARG A 230 34.72 -29.43 -10.13
C ARG A 230 35.71 -30.02 -11.11
N ASP A 231 35.19 -30.83 -12.04
CA ASP A 231 36.04 -31.49 -13.04
C ASP A 231 36.83 -30.47 -13.85
N PHE A 232 36.18 -29.37 -14.20
CA PHE A 232 36.82 -28.32 -14.99
C PHE A 232 38.01 -27.71 -14.26
N ILE A 233 37.90 -27.63 -12.93
CA ILE A 233 38.98 -27.09 -12.11
C ILE A 233 40.14 -28.06 -12.08
N HIS A 234 39.82 -29.35 -12.03
CA HIS A 234 40.83 -30.39 -11.99
C HIS A 234 41.65 -30.43 -13.28
N LYS A 235 40.97 -30.31 -14.42
CA LYS A 235 41.63 -30.35 -15.73
C LYS A 235 42.60 -29.17 -15.87
N VAL A 236 42.11 -27.97 -15.55
CA VAL A 236 42.93 -26.77 -15.62
C VAL A 236 44.01 -26.79 -14.55
N GLY A 237 43.69 -27.39 -13.41
CA GLY A 237 44.62 -27.45 -12.28
C GLY A 237 44.44 -26.26 -11.35
N PHE A 238 44.53 -26.52 -10.05
CA PHE A 238 44.29 -25.50 -9.04
C PHE A 238 45.24 -24.32 -9.16
N GLU A 239 46.44 -24.57 -9.69
CA GLU A 239 47.47 -23.54 -9.79
C GLU A 239 47.15 -22.46 -10.81
N ARG A 240 46.33 -22.80 -11.80
CA ARG A 240 46.09 -21.90 -12.95
C ARG A 240 44.62 -21.56 -13.16
N ILE A 241 43.76 -21.95 -12.22
CA ILE A 241 42.33 -21.75 -12.39
C ILE A 241 41.95 -20.28 -12.37
N SER A 242 42.66 -19.50 -11.56
CA SER A 242 42.37 -18.08 -11.41
C SER A 242 42.60 -17.32 -12.72
N LEU A 243 43.72 -17.60 -13.38
CA LEU A 243 44.04 -16.97 -14.66
C LEU A 243 43.02 -17.35 -15.73
N ARG A 244 42.63 -18.63 -15.73
CA ARG A 244 41.77 -19.17 -16.77
C ARG A 244 40.40 -18.50 -16.79
N VAL A 245 39.88 -18.19 -15.60
CA VAL A 245 38.51 -17.69 -15.48
C VAL A 245 38.43 -16.17 -15.51
N VAL A 246 39.32 -15.51 -14.78
CA VAL A 246 39.26 -14.06 -14.63
C VAL A 246 39.89 -13.33 -15.82
N ASN A 247 40.97 -13.88 -16.37
CA ASN A 247 41.58 -13.31 -17.57
C ASN A 247 40.86 -13.79 -18.82
N SER A 248 40.25 -12.86 -19.54
CA SER A 248 39.44 -13.18 -20.70
C SER A 248 40.26 -13.35 -21.97
N LEU A 249 41.40 -14.03 -21.86
CA LEU A 249 42.24 -14.29 -23.03
C LEU A 249 41.61 -15.37 -23.88
N GLU A 250 41.54 -16.59 -23.34
CA GLU A 250 40.91 -17.70 -24.02
C GLU A 250 39.41 -17.65 -23.80
N ALA A 251 38.67 -18.42 -24.61
CA ALA A 251 37.21 -18.41 -24.56
C ALA A 251 36.72 -18.91 -23.21
N PRO A 252 35.57 -18.37 -22.72
CA PRO A 252 34.98 -18.88 -21.48
C PRO A 252 34.64 -20.36 -21.59
N PRO A 253 34.73 -21.11 -20.48
CA PRO A 253 34.44 -22.55 -20.54
C PRO A 253 33.01 -22.85 -20.97
N GLU A 254 32.85 -23.85 -21.82
CA GLU A 254 31.53 -24.23 -22.33
C GLU A 254 31.01 -25.43 -21.53
N PHE A 255 29.87 -25.25 -20.86
CA PHE A 255 29.27 -26.30 -20.04
C PHE A 255 28.02 -26.90 -20.69
N LYS A 256 27.86 -28.22 -20.58
CA LYS A 256 26.68 -28.90 -21.09
C LYS A 256 25.57 -28.90 -20.05
N LYS A 257 24.32 -28.90 -20.51
CA LYS A 257 23.18 -29.00 -19.60
C LYS A 257 23.06 -30.44 -19.12
N PRO A 258 22.97 -30.65 -17.80
CA PRO A 258 22.94 -32.02 -17.28
C PRO A 258 21.54 -32.63 -17.29
N ASP A 259 21.46 -33.95 -17.36
CA ASP A 259 20.20 -34.67 -17.23
C ASP A 259 19.97 -34.96 -15.75
N PHE A 260 18.76 -34.67 -15.27
CA PHE A 260 18.38 -34.98 -13.89
C PHE A 260 16.89 -35.26 -13.78
N SER A 261 16.51 -35.88 -12.68
CA SER A 261 15.14 -36.31 -12.44
C SER A 261 14.46 -35.51 -11.34
N LEU A 262 13.14 -35.59 -11.29
CA LEU A 262 12.37 -35.05 -10.20
C LEU A 262 12.86 -35.60 -8.87
N ALA A 263 13.18 -36.90 -8.87
CA ALA A 263 13.70 -37.57 -7.69
C ALA A 263 14.94 -36.86 -7.18
N HIS A 264 15.87 -36.59 -8.09
CA HIS A 264 17.12 -35.93 -7.73
C HIS A 264 16.87 -34.52 -7.18
N LEU A 265 15.96 -33.80 -7.80
CA LEU A 265 15.63 -32.44 -7.37
C LEU A 265 15.08 -32.42 -5.96
N ILE A 266 14.25 -33.41 -5.64
CA ILE A 266 13.61 -33.47 -4.33
C ILE A 266 14.63 -33.84 -3.26
N GLU A 267 15.51 -34.78 -3.59
CA GLU A 267 16.60 -35.15 -2.69
C GLU A 267 17.44 -33.93 -2.35
N SER A 268 17.86 -33.20 -3.38
CA SER A 268 18.63 -31.98 -3.19
C SER A 268 17.87 -30.98 -2.33
N GLY A 269 16.58 -30.82 -2.62
CA GLY A 269 15.75 -29.87 -1.89
C GLY A 269 15.74 -30.14 -0.40
N ASN A 270 15.56 -31.39 -0.03
CA ASN A 270 15.51 -31.77 1.38
C ASN A 270 16.86 -31.57 2.07
N LEU A 271 17.94 -31.80 1.33
CA LEU A 271 19.28 -31.58 1.87
C LEU A 271 19.48 -30.09 2.17
N VAL A 272 19.05 -29.24 1.23
CA VAL A 272 19.14 -27.79 1.42
C VAL A 272 18.35 -27.34 2.65
N LEU A 273 17.13 -27.85 2.80
CA LEU A 273 16.28 -27.47 3.92
C LEU A 273 16.71 -28.14 5.21
N GLY A 274 17.36 -29.30 5.10
CA GLY A 274 17.75 -30.08 6.25
C GLY A 274 18.76 -29.38 7.13
N SER B 1 -24.57 10.46 -3.52
CA SER B 1 -24.45 10.97 -2.16
C SER B 1 -24.09 9.85 -1.19
N TYR B 2 -23.08 10.09 -0.36
CA TYR B 2 -22.57 9.05 0.54
C TYR B 2 -23.38 8.97 1.82
N TYR B 3 -23.57 7.74 2.29
CA TYR B 3 -24.46 7.45 3.41
C TYR B 3 -23.68 7.35 4.72
N ILE B 4 -24.18 8.06 5.73
CA ILE B 4 -23.66 7.95 7.10
C ILE B 4 -24.66 7.12 7.90
N ALA B 5 -24.16 6.11 8.61
CA ALA B 5 -25.02 5.26 9.41
C ALA B 5 -25.55 6.05 10.62
N PRO B 6 -26.89 6.13 10.78
CA PRO B 6 -27.48 6.94 11.85
C PRO B 6 -26.89 6.71 13.24
N ARG B 7 -26.70 5.46 13.66
CA ARG B 7 -26.17 5.19 14.99
C ARG B 7 -24.70 5.57 15.10
N PHE B 8 -24.00 5.64 13.96
CA PHE B 8 -22.63 6.11 13.94
C PHE B 8 -22.62 7.62 14.11
N LEU B 9 -23.49 8.29 13.35
CA LEU B 9 -23.62 9.75 13.44
C LEU B 9 -24.02 10.17 14.85
N ASP B 10 -24.98 9.45 15.45
CA ASP B 10 -25.42 9.76 16.81
C ASP B 10 -24.27 9.65 17.81
N LYS B 11 -23.67 8.47 17.88
CA LYS B 11 -22.61 8.18 18.84
C LYS B 11 -21.49 9.22 18.81
N LEU B 12 -21.11 9.63 17.60
CA LEU B 12 -20.01 10.56 17.41
C LEU B 12 -20.43 11.99 17.76
N ALA B 13 -21.64 12.36 17.32
CA ALA B 13 -22.18 13.69 17.61
C ALA B 13 -22.43 13.88 19.10
N VAL B 14 -22.95 12.84 19.76
CA VAL B 14 -23.22 12.92 21.20
C VAL B 14 -21.92 13.11 21.97
N HIS B 15 -20.88 12.39 21.56
CA HIS B 15 -19.60 12.46 22.24
C HIS B 15 -18.98 13.85 22.15
N ILE B 16 -18.96 14.43 20.94
CA ILE B 16 -18.41 15.76 20.74
C ILE B 16 -19.21 16.80 21.50
N THR B 17 -20.52 16.82 21.29
CA THR B 17 -21.39 17.80 21.92
C THR B 17 -21.33 17.70 23.44
N LYS B 18 -21.22 16.48 23.93
CA LYS B 18 -21.17 16.24 25.37
C LYS B 18 -19.91 16.85 25.98
N ASN B 19 -18.85 16.95 25.18
CA ASN B 19 -17.60 17.56 25.63
C ASN B 19 -17.65 19.09 25.64
N PHE B 20 -18.57 19.67 24.87
CA PHE B 20 -18.76 21.12 24.86
C PHE B 20 -19.87 21.59 25.79
N LEU B 21 -20.70 20.65 26.26
CA LEU B 21 -21.70 20.96 27.27
C LEU B 21 -21.08 20.83 28.65
N ASN B 22 -21.28 21.85 29.49
CA ASN B 22 -20.73 21.87 30.83
C ASN B 22 -21.80 21.60 31.87
N ILE B 23 -22.41 20.43 31.76
CA ILE B 23 -23.45 20.03 32.70
C ILE B 23 -22.79 19.75 34.05
N PRO B 24 -23.26 20.40 35.12
CA PRO B 24 -22.64 20.16 36.42
C PRO B 24 -23.01 18.79 36.99
N GLY B 25 -22.13 18.24 37.82
CA GLY B 25 -22.37 16.93 38.41
C GLY B 25 -22.34 15.84 37.36
N VAL B 26 -21.68 16.11 36.25
CA VAL B 26 -21.59 15.16 35.15
C VAL B 26 -20.21 15.26 34.51
N ARG B 27 -19.43 14.19 34.64
CA ARG B 27 -18.09 14.14 34.06
C ARG B 27 -18.14 13.38 32.74
N VAL B 28 -17.41 13.90 31.76
CA VAL B 28 -17.50 13.42 30.39
C VAL B 28 -16.19 12.77 29.98
N PRO B 29 -16.26 11.71 29.16
CA PRO B 29 -15.03 11.17 28.59
C PRO B 29 -14.49 12.05 27.46
N LEU B 30 -13.19 12.30 27.44
CA LEU B 30 -12.60 13.16 26.43
C LEU B 30 -12.42 12.39 25.13
N ILE B 31 -12.08 11.12 25.26
CA ILE B 31 -11.70 10.29 24.11
C ILE B 31 -12.82 9.33 23.69
N LEU B 32 -13.08 9.29 22.39
CA LEU B 32 -13.93 8.25 21.80
C LEU B 32 -13.05 7.31 21.00
N GLY B 33 -12.99 6.07 21.42
CA GLY B 33 -12.21 5.05 20.72
C GLY B 33 -13.14 4.20 19.87
N ILE B 34 -13.09 4.42 18.56
CA ILE B 34 -13.92 3.66 17.64
C ILE B 34 -13.09 2.50 17.11
N HIS B 35 -13.51 1.28 17.40
CA HIS B 35 -12.75 0.09 17.02
C HIS B 35 -13.60 -0.90 16.25
N GLY B 36 -12.94 -1.75 15.46
CA GLY B 36 -13.62 -2.72 14.64
C GLY B 36 -12.74 -3.14 13.48
N ARG B 37 -13.26 -4.02 12.62
CA ARG B 37 -12.50 -4.52 11.49
C ARG B 37 -12.02 -3.39 10.60
N LYS B 38 -10.90 -3.61 9.93
CA LYS B 38 -10.33 -2.63 9.03
C LYS B 38 -11.23 -2.42 7.82
N GLY B 39 -11.28 -1.17 7.35
CA GLY B 39 -12.01 -0.85 6.14
C GLY B 39 -13.50 -1.03 6.26
N GLU B 40 -14.07 -0.65 7.40
CA GLU B 40 -15.51 -0.66 7.61
C GLU B 40 -16.08 0.74 7.62
N GLY B 41 -15.23 1.73 7.35
CA GLY B 41 -15.67 3.11 7.24
C GLY B 41 -15.60 3.91 8.52
N LYS B 42 -14.75 3.49 9.45
CA LYS B 42 -14.54 4.24 10.68
C LYS B 42 -14.07 5.66 10.36
N THR B 43 -13.04 5.77 9.52
CA THR B 43 -12.53 7.07 9.15
C THR B 43 -13.50 7.82 8.24
N PHE B 44 -14.01 7.12 7.22
CA PHE B 44 -14.83 7.76 6.20
C PHE B 44 -16.12 8.36 6.79
N GLN B 45 -16.73 7.64 7.72
CA GLN B 45 -17.96 8.12 8.34
C GLN B 45 -17.72 9.21 9.37
N CYS B 46 -16.54 9.20 9.97
CA CYS B 46 -16.15 10.28 10.86
C CYS B 46 -16.13 11.56 10.05
N GLU B 47 -15.53 11.49 8.87
CA GLU B 47 -15.42 12.65 7.99
C GLU B 47 -16.77 13.12 7.48
N LEU B 48 -17.67 12.19 7.21
CA LEU B 48 -19.02 12.54 6.78
C LEU B 48 -19.74 13.33 7.87
N ALA B 49 -19.56 12.90 9.12
CA ALA B 49 -20.23 13.54 10.25
C ALA B 49 -19.68 14.94 10.51
N PHE B 50 -18.36 15.09 10.41
CA PHE B 50 -17.72 16.38 10.59
C PHE B 50 -18.20 17.38 9.53
N GLU B 51 -18.36 16.89 8.31
CA GLU B 51 -18.87 17.71 7.22
C GLU B 51 -20.31 18.09 7.50
N LYS B 52 -21.09 17.11 7.97
CA LYS B 52 -22.49 17.31 8.28
C LYS B 52 -22.65 18.38 9.36
N MET B 53 -21.79 18.32 10.36
CA MET B 53 -21.89 19.22 11.51
C MET B 53 -21.00 20.46 11.36
N GLY B 54 -20.33 20.56 10.21
CA GLY B 54 -19.47 21.71 9.95
C GLY B 54 -18.33 21.80 10.94
N ILE B 55 -17.88 20.64 11.41
CA ILE B 55 -16.79 20.58 12.37
C ILE B 55 -15.45 20.58 11.65
N GLU B 56 -14.57 21.49 12.06
CA GLU B 56 -13.21 21.51 11.55
C GLU B 56 -12.42 20.50 12.37
N VAL B 57 -11.66 19.64 11.69
CA VAL B 57 -10.94 18.56 12.33
C VAL B 57 -9.43 18.69 12.17
N THR B 58 -8.70 18.41 13.24
CA THR B 58 -7.24 18.33 13.18
C THR B 58 -6.89 16.86 13.18
N LEU B 59 -6.29 16.40 12.08
CA LEU B 59 -6.09 14.97 11.84
C LEU B 59 -4.62 14.56 11.96
N ILE B 60 -4.36 13.55 12.79
CA ILE B 60 -3.04 12.93 12.88
C ILE B 60 -3.14 11.49 12.40
N SER B 61 -2.25 11.10 11.49
CA SER B 61 -2.20 9.73 11.00
C SER B 61 -1.49 8.83 12.00
N GLY B 62 -1.95 7.57 12.09
CA GLY B 62 -1.34 6.61 12.98
C GLY B 62 0.09 6.32 12.61
N GLY B 63 0.38 6.30 11.31
CA GLY B 63 1.73 6.07 10.83
C GLY B 63 2.66 7.23 11.16
N GLU B 64 2.08 8.40 11.42
CA GLU B 64 2.84 9.58 11.77
C GLU B 64 3.36 9.43 13.20
N LEU B 65 2.67 8.61 13.99
CA LEU B 65 3.04 8.39 15.39
C LEU B 65 3.86 7.11 15.59
N GLU B 66 3.84 6.23 14.59
CA GLU B 66 4.54 4.94 14.68
C GLU B 66 5.94 5.01 14.09
N SER B 67 6.10 5.74 12.99
CA SER B 67 7.39 5.85 12.31
C SER B 67 8.42 6.55 13.21
N PRO B 68 9.59 5.92 13.43
CA PRO B 68 10.65 6.58 14.20
C PRO B 68 11.11 7.90 13.58
N ASP B 69 10.79 8.11 12.31
CA ASP B 69 11.12 9.35 11.62
C ASP B 69 10.36 10.55 12.21
N ALA B 70 9.28 10.26 12.91
CA ALA B 70 8.48 11.29 13.56
C ALA B 70 9.21 11.86 14.77
N GLY B 71 10.03 11.02 15.39
CA GLY B 71 10.84 11.45 16.51
C GLY B 71 10.12 11.41 17.85
N ASP B 72 9.22 12.36 18.05
CA ASP B 72 8.56 12.52 19.35
C ASP B 72 7.05 12.58 19.16
N PRO B 73 6.36 11.43 19.32
CA PRO B 73 4.92 11.41 19.12
C PRO B 73 4.15 12.14 20.22
N ALA B 74 4.70 12.16 21.43
CA ALA B 74 4.06 12.87 22.54
C ALA B 74 3.98 14.36 22.20
N ARG B 75 5.09 14.89 21.72
CA ARG B 75 5.16 16.30 21.33
C ARG B 75 4.13 16.60 20.25
N LEU B 76 4.09 15.75 19.22
CA LEU B 76 3.23 15.97 18.07
C LEU B 76 1.76 15.99 18.47
N ILE B 77 1.37 15.11 19.39
CA ILE B 77 0.00 15.06 19.85
C ILE B 77 -0.34 16.34 20.61
N ARG B 78 0.53 16.71 21.53
CA ARG B 78 0.31 17.89 22.37
C ARG B 78 0.29 19.17 21.53
N LEU B 79 1.14 19.24 20.51
CA LEU B 79 1.11 20.38 19.59
C LEU B 79 -0.25 20.49 18.91
N ARG B 80 -0.76 19.37 18.39
CA ARG B 80 -2.01 19.38 17.64
C ARG B 80 -3.21 19.61 18.56
N TYR B 81 -3.09 19.20 19.81
CA TYR B 81 -4.16 19.42 20.79
C TYR B 81 -4.30 20.91 21.10
N ARG B 82 -3.18 21.55 21.43
CA ARG B 82 -3.18 22.98 21.76
C ARG B 82 -3.60 23.82 20.56
N GLU B 83 -3.21 23.37 19.37
CA GLU B 83 -3.61 24.03 18.13
C GLU B 83 -5.13 24.00 17.97
N THR B 84 -5.73 22.84 18.18
CA THR B 84 -7.17 22.68 18.05
C THR B 84 -7.89 23.50 19.13
N ALA B 85 -7.32 23.48 20.34
CA ALA B 85 -7.85 24.25 21.46
C ALA B 85 -7.93 25.74 21.14
N GLU B 86 -6.96 26.23 20.37
CA GLU B 86 -6.93 27.65 20.00
C GLU B 86 -7.96 27.97 18.92
N LEU B 87 -8.19 27.03 18.03
CA LEU B 87 -9.17 27.22 16.96
C LEU B 87 -10.59 27.35 17.52
N ILE B 88 -10.83 26.74 18.68
CA ILE B 88 -12.13 26.86 19.34
C ILE B 88 -12.33 28.30 19.82
N LYS B 89 -11.30 28.86 20.45
CA LYS B 89 -11.36 30.25 20.91
C LYS B 89 -11.50 31.21 19.73
N VAL B 90 -10.77 30.94 18.66
CA VAL B 90 -10.72 31.84 17.50
C VAL B 90 -11.99 31.74 16.66
N ARG B 91 -12.28 30.54 16.18
CA ARG B 91 -13.39 30.33 15.26
C ARG B 91 -14.74 30.28 15.99
N GLY B 92 -14.72 29.99 17.28
CA GLY B 92 -15.95 29.90 18.05
C GLY B 92 -16.86 28.82 17.52
N LYS B 93 -16.27 27.71 17.10
CA LYS B 93 -17.01 26.56 16.59
C LYS B 93 -16.49 25.30 17.26
N MET B 94 -17.23 24.20 17.13
CA MET B 94 -16.76 22.92 17.62
C MET B 94 -15.58 22.45 16.77
N CYS B 95 -14.49 22.08 17.45
CA CYS B 95 -13.31 21.53 16.78
C CYS B 95 -12.93 20.21 17.43
N VAL B 96 -12.24 19.36 16.69
CA VAL B 96 -11.92 18.02 17.15
C VAL B 96 -10.52 17.57 16.72
N LEU B 97 -9.84 16.85 17.61
CA LEU B 97 -8.58 16.19 17.30
C LEU B 97 -8.88 14.73 17.02
N MET B 98 -8.31 14.20 15.93
CA MET B 98 -8.59 12.83 15.53
C MET B 98 -7.31 12.07 15.18
N ILE B 99 -7.16 10.87 15.75
CA ILE B 99 -6.01 10.03 15.47
C ILE B 99 -6.45 8.74 14.80
N ASN B 100 -5.91 8.51 13.60
CA ASN B 100 -6.38 7.45 12.73
C ASN B 100 -5.51 6.19 12.75
N ASP B 101 -6.15 5.03 12.62
CA ASP B 101 -5.45 3.77 12.43
C ASP B 101 -4.41 3.54 13.52
N LEU B 102 -4.84 3.66 14.77
CA LEU B 102 -3.90 3.72 15.88
C LEU B 102 -3.23 2.38 16.17
N ASP B 103 -3.85 1.29 15.76
CA ASP B 103 -3.30 -0.05 15.97
C ASP B 103 -1.90 -0.17 15.37
N TYR B 115 7.40 1.02 17.34
CA TYR B 115 5.97 0.76 17.32
C TYR B 115 5.43 0.49 18.72
N THR B 116 5.77 -0.65 19.29
CA THR B 116 5.33 -1.01 20.63
C THR B 116 5.88 0.00 21.63
N VAL B 117 7.06 0.53 21.34
CA VAL B 117 7.64 1.60 22.15
C VAL B 117 6.77 2.84 22.06
N ASN B 118 6.40 3.22 20.85
CA ASN B 118 5.58 4.40 20.62
C ASN B 118 4.13 4.24 21.09
N THR B 119 3.61 3.02 21.04
CA THR B 119 2.24 2.75 21.46
C THR B 119 2.07 3.09 22.94
N GLN B 120 3.09 2.81 23.73
CA GLN B 120 3.08 3.16 25.15
C GLN B 120 3.10 4.67 25.32
N LEU B 121 3.93 5.34 24.52
CA LEU B 121 4.06 6.80 24.61
C LEU B 121 2.78 7.50 24.20
N VAL B 122 2.15 7.00 23.13
CA VAL B 122 0.87 7.54 22.69
C VAL B 122 -0.19 7.33 23.76
N ASN B 123 -0.28 6.10 24.25
CA ASN B 123 -1.22 5.78 25.32
C ASN B 123 -0.99 6.67 26.53
N ALA B 124 0.27 6.82 26.93
CA ALA B 124 0.63 7.67 28.04
C ALA B 124 0.21 9.12 27.81
N THR B 125 0.45 9.63 26.60
CA THR B 125 0.06 11.00 26.27
C THR B 125 -1.45 11.21 26.37
N LEU B 126 -2.22 10.29 25.79
CA LEU B 126 -3.67 10.43 25.78
C LEU B 126 -4.25 10.31 27.18
N MET B 127 -3.65 9.44 28.00
CA MET B 127 -4.01 9.36 29.41
C MET B 127 -3.80 10.70 30.12
N ASN B 128 -2.60 11.25 30.02
CA ASN B 128 -2.28 12.51 30.68
C ASN B 128 -3.20 13.64 30.24
N ILE B 129 -3.43 13.74 28.94
CA ILE B 129 -4.33 14.76 28.40
C ILE B 129 -5.74 14.56 28.93
N ALA B 130 -6.23 13.33 28.90
CA ALA B 130 -7.58 13.04 29.35
C ALA B 130 -7.77 13.32 30.85
N ASP B 131 -6.68 13.26 31.61
CA ASP B 131 -6.73 13.57 33.04
C ASP B 131 -6.97 15.06 33.29
N ASN B 132 -6.39 15.90 32.44
CA ASN B 132 -6.54 17.36 32.54
C ASN B 132 -6.57 17.99 31.15
N PRO B 133 -7.72 17.92 30.47
CA PRO B 133 -7.88 18.45 29.11
C PRO B 133 -7.64 19.96 29.01
N THR B 134 -7.67 20.64 30.15
CA THR B 134 -7.52 22.10 30.19
C THR B 134 -6.06 22.51 30.39
N ASP B 135 -5.27 21.62 30.96
CA ASP B 135 -3.87 21.89 31.29
C ASP B 135 -2.96 21.00 30.45
N VAL B 136 -2.84 21.32 29.17
CA VAL B 136 -2.04 20.52 28.23
C VAL B 136 -0.83 21.30 27.75
N GLN B 137 0.28 21.12 28.45
CA GLN B 137 1.52 21.80 28.12
C GLN B 137 2.37 20.96 27.19
N LEU B 138 3.25 21.60 26.44
CA LEU B 138 4.26 20.89 25.67
C LEU B 138 5.37 20.45 26.62
N PRO B 139 6.05 19.34 26.29
CA PRO B 139 7.15 18.91 27.16
C PRO B 139 8.20 20.00 27.34
N GLY B 140 8.44 20.39 28.58
CA GLY B 140 9.46 21.39 28.89
C GLY B 140 8.88 22.78 29.05
N SER B 141 7.64 22.96 28.60
CA SER B 141 6.98 24.27 28.66
C SER B 141 5.93 24.30 29.77
N TYR B 142 5.67 25.50 30.28
CA TYR B 142 4.56 25.69 31.21
C TYR B 142 3.86 27.03 30.98
N ASP B 143 2.55 26.98 30.99
CA ASP B 143 1.71 28.13 30.68
C ASP B 143 0.54 28.14 31.66
N SER B 144 0.42 29.20 32.44
CA SER B 144 -0.66 29.30 33.42
C SER B 144 -2.03 29.40 32.76
N ASN B 145 -2.06 29.79 31.49
CA ASN B 145 -3.31 29.94 30.78
C ASN B 145 -4.04 28.61 30.59
N PRO B 146 -5.26 28.51 31.10
CA PRO B 146 -6.06 27.33 30.76
C PRO B 146 -6.49 27.38 29.30
N ILE B 147 -6.42 26.26 28.59
CA ILE B 147 -6.88 26.18 27.21
C ILE B 147 -8.19 25.39 27.12
N ARG B 148 -8.87 25.51 25.98
CA ARG B 148 -10.17 24.88 25.79
C ARG B 148 -10.05 23.37 25.73
N ARG B 149 -11.11 22.70 26.20
CA ARG B 149 -11.22 21.25 26.17
C ARG B 149 -11.51 20.78 24.76
N VAL B 150 -10.71 19.85 24.25
CA VAL B 150 -10.80 19.38 22.87
C VAL B 150 -11.16 17.89 22.83
N PRO B 151 -12.37 17.54 22.38
CA PRO B 151 -12.69 16.11 22.30
C PRO B 151 -11.79 15.39 21.30
N ILE B 152 -11.34 14.20 21.67
CA ILE B 152 -10.43 13.41 20.84
C ILE B 152 -11.15 12.17 20.31
N ILE B 153 -11.02 11.96 19.00
CA ILE B 153 -11.60 10.78 18.35
C ILE B 153 -10.46 9.88 17.87
N VAL B 154 -10.43 8.65 18.34
CA VAL B 154 -9.40 7.71 17.94
C VAL B 154 -10.01 6.54 17.16
N THR B 155 -9.25 6.03 16.20
CA THR B 155 -9.68 4.95 15.31
C THR B 155 -8.60 3.89 15.32
N GLY B 156 -9.01 2.63 15.34
CA GLY B 156 -8.07 1.51 15.36
C GLY B 156 -8.79 0.19 15.29
N ASN B 157 -8.05 -0.88 15.01
CA ASN B 157 -8.68 -2.19 14.88
C ASN B 157 -9.15 -2.67 16.24
N ASP B 158 -8.26 -2.60 17.22
CA ASP B 158 -8.60 -2.86 18.60
C ASP B 158 -7.65 -2.08 19.47
N PHE B 159 -8.09 -1.73 20.67
CA PHE B 159 -7.28 -0.91 21.57
C PHE B 159 -6.58 -1.75 22.63
N SER B 160 -5.29 -1.46 22.80
CA SER B 160 -4.45 -2.15 23.77
C SER B 160 -5.07 -2.16 25.16
N THR B 161 -4.75 -3.20 25.93
CA THR B 161 -5.19 -3.28 27.32
C THR B 161 -4.58 -2.13 28.13
N LEU B 162 -3.64 -1.42 27.53
CA LEU B 162 -3.10 -0.20 28.12
C LEU B 162 -4.16 0.90 28.24
N TYR B 163 -5.23 0.78 27.46
CA TYR B 163 -6.31 1.76 27.47
C TYR B 163 -7.43 1.41 28.46
N ALA B 164 -7.32 0.28 29.15
CA ALA B 164 -8.35 -0.16 30.07
C ALA B 164 -8.59 0.81 31.24
N PRO B 165 -7.50 1.34 31.83
CA PRO B 165 -7.66 2.33 32.90
C PRO B 165 -8.48 3.56 32.47
N LEU B 166 -8.26 4.01 31.24
CA LEU B 166 -9.01 5.14 30.70
C LEU B 166 -10.49 4.84 30.60
N ILE B 167 -10.81 3.63 30.15
CA ILE B 167 -12.19 3.23 29.92
C ILE B 167 -12.91 3.01 31.26
N ARG B 168 -12.21 2.43 32.23
CA ARG B 168 -12.78 2.21 33.55
C ARG B 168 -13.10 3.51 34.27
N ASP B 169 -12.19 4.47 34.18
CA ASP B 169 -12.35 5.75 34.87
C ASP B 169 -13.22 6.72 34.09
N GLY B 170 -13.78 6.27 32.98
CA GLY B 170 -14.64 7.10 32.17
C GLY B 170 -13.93 8.29 31.57
N ARG B 171 -12.68 8.11 31.19
CA ARG B 171 -11.92 9.14 30.49
C ARG B 171 -11.91 8.84 29.01
N MET B 172 -12.33 7.62 28.66
CA MET B 172 -12.41 7.19 27.28
C MET B 172 -13.61 6.28 27.09
N GLU B 173 -14.34 6.50 26.00
CA GLU B 173 -15.45 5.63 25.65
C GLU B 173 -15.12 4.81 24.42
N LYS B 174 -15.31 3.50 24.53
CA LYS B 174 -15.14 2.60 23.41
C LYS B 174 -16.45 2.48 22.65
N PHE B 175 -16.35 2.34 21.32
CA PHE B 175 -17.52 2.13 20.47
C PHE B 175 -17.14 1.17 19.36
N TYR B 176 -17.65 -0.06 19.45
CA TYR B 176 -17.35 -1.08 18.46
C TYR B 176 -18.18 -0.87 17.21
N TRP B 177 -17.51 -0.78 16.06
CA TRP B 177 -18.19 -0.54 14.79
C TRP B 177 -18.18 -1.77 13.89
N GLU B 178 -19.36 -2.39 13.77
CA GLU B 178 -19.57 -3.49 12.85
C GLU B 178 -20.86 -3.24 12.08
N PRO B 179 -20.75 -2.77 10.83
CA PRO B 179 -21.96 -2.45 10.07
C PRO B 179 -22.89 -3.66 9.88
N ASN B 180 -24.16 -3.48 10.20
CA ASN B 180 -25.16 -4.52 9.99
C ASN B 180 -25.70 -4.42 8.55
N ARG B 181 -26.70 -5.23 8.24
CA ARG B 181 -27.24 -5.27 6.88
C ARG B 181 -27.78 -3.91 6.43
N ASP B 182 -28.62 -3.29 7.26
CA ASP B 182 -29.17 -1.98 6.93
C ASP B 182 -28.06 -0.97 6.66
N ASP B 183 -27.01 -1.04 7.46
CA ASP B 183 -25.88 -0.12 7.32
C ASP B 183 -25.16 -0.32 5.99
N LYS B 184 -25.03 -1.59 5.59
CA LYS B 184 -24.38 -1.92 4.32
C LYS B 184 -25.21 -1.45 3.14
N VAL B 185 -26.52 -1.72 3.18
CA VAL B 185 -27.42 -1.31 2.11
C VAL B 185 -27.31 0.19 1.88
N GLY B 186 -27.30 0.95 2.96
CA GLY B 186 -27.14 2.39 2.87
C GLY B 186 -25.80 2.80 2.28
N ILE B 187 -24.73 2.30 2.88
CA ILE B 187 -23.37 2.67 2.47
C ILE B 187 -23.06 2.19 1.04
N VAL B 188 -23.32 0.92 0.76
CA VAL B 188 -23.09 0.37 -0.58
C VAL B 188 -23.96 1.11 -1.60
N GLY B 189 -25.18 1.45 -1.20
CA GLY B 189 -26.08 2.17 -2.08
C GLY B 189 -25.54 3.52 -2.48
N GLY B 190 -24.78 4.14 -1.58
CA GLY B 190 -24.15 5.42 -1.85
C GLY B 190 -22.90 5.28 -2.70
N ILE B 191 -22.27 4.12 -2.64
CA ILE B 191 -21.10 3.83 -3.45
C ILE B 191 -21.48 3.66 -4.92
N PHE B 192 -22.61 3.01 -5.16
CA PHE B 192 -23.11 2.77 -6.51
C PHE B 192 -24.29 3.69 -6.82
N ALA B 193 -24.30 4.87 -6.21
CA ALA B 193 -25.43 5.78 -6.31
C ALA B 193 -25.62 6.31 -7.73
N GLU B 194 -24.52 6.41 -8.47
CA GLU B 194 -24.54 6.99 -9.80
C GLU B 194 -24.27 5.94 -10.87
N ASP B 195 -24.62 4.69 -10.57
CA ASP B 195 -24.40 3.58 -11.49
C ASP B 195 -25.72 2.96 -11.93
N GLY B 196 -26.83 3.61 -11.56
CA GLY B 196 -28.14 3.19 -12.00
C GLY B 196 -28.54 1.82 -11.50
N LEU B 197 -28.33 1.59 -10.20
CA LEU B 197 -28.76 0.37 -9.55
C LEU B 197 -29.97 0.63 -8.66
N SER B 198 -30.92 -0.28 -8.71
CA SER B 198 -32.14 -0.16 -7.92
C SER B 198 -31.89 -0.60 -6.48
N GLN B 199 -32.90 -0.43 -5.64
CA GLN B 199 -32.79 -0.84 -4.24
C GLN B 199 -32.59 -2.34 -4.12
N ARG B 200 -33.37 -3.11 -4.88
CA ARG B 200 -33.30 -4.56 -4.81
C ARG B 200 -31.97 -5.08 -5.34
N GLU B 201 -31.41 -4.39 -6.33
CA GLU B 201 -30.11 -4.76 -6.87
C GLU B 201 -28.99 -4.44 -5.88
N ILE B 202 -29.19 -3.41 -5.06
CA ILE B 202 -28.24 -3.09 -4.01
C ILE B 202 -28.36 -4.10 -2.88
N GLU B 203 -29.60 -4.43 -2.52
CA GLU B 203 -29.84 -5.41 -1.47
C GLU B 203 -29.31 -6.78 -1.85
N GLN B 204 -29.42 -7.13 -3.12
CA GLN B 204 -28.93 -8.41 -3.59
C GLN B 204 -27.40 -8.46 -3.53
N LEU B 205 -26.76 -7.36 -3.95
CA LEU B 205 -25.30 -7.26 -3.92
C LEU B 205 -24.74 -7.47 -2.52
N VAL B 206 -25.38 -6.84 -1.53
CA VAL B 206 -24.95 -6.98 -0.14
C VAL B 206 -25.18 -8.42 0.34
N ASP B 207 -26.34 -8.97 0.02
CA ASP B 207 -26.71 -10.32 0.44
C ASP B 207 -25.89 -11.40 -0.26
N THR B 208 -25.21 -11.03 -1.35
CA THR B 208 -24.34 -11.94 -2.07
C THR B 208 -22.98 -12.06 -1.38
N PHE B 209 -22.56 -10.97 -0.74
CA PHE B 209 -21.28 -10.94 -0.02
C PHE B 209 -21.51 -10.44 1.40
N PRO B 210 -22.20 -11.25 2.22
CA PRO B 210 -22.63 -10.84 3.56
C PRO B 210 -21.51 -10.72 4.61
N LYS B 211 -20.34 -11.28 4.32
CA LYS B 211 -19.24 -11.30 5.30
C LYS B 211 -18.11 -10.33 4.97
N GLN B 212 -18.27 -9.55 3.90
CA GLN B 212 -17.21 -8.67 3.42
C GLN B 212 -17.28 -7.27 4.04
N SER B 213 -16.15 -6.57 4.01
CA SER B 213 -16.04 -5.22 4.55
C SER B 213 -16.53 -4.21 3.52
N ILE B 214 -16.87 -3.00 3.97
CA ILE B 214 -17.27 -1.93 3.06
C ILE B 214 -16.16 -1.68 2.04
N ASP B 215 -14.92 -1.91 2.45
CA ASP B 215 -13.76 -1.74 1.59
C ASP B 215 -13.83 -2.63 0.35
N PHE B 216 -14.34 -3.85 0.52
CA PHE B 216 -14.50 -4.78 -0.59
C PHE B 216 -15.39 -4.20 -1.69
N PHE B 217 -16.49 -3.57 -1.28
CA PHE B 217 -17.48 -3.07 -2.22
C PHE B 217 -17.00 -1.86 -3.01
N SER B 218 -16.32 -0.94 -2.36
CA SER B 218 -15.74 0.21 -3.06
C SER B 218 -14.61 -0.27 -3.98
N ALA B 219 -13.94 -1.34 -3.58
CA ALA B 219 -12.91 -1.95 -4.40
C ALA B 219 -13.52 -2.70 -5.59
N LEU B 220 -14.72 -3.24 -5.38
CA LEU B 220 -15.39 -3.98 -6.44
C LEU B 220 -15.82 -3.06 -7.57
N ARG B 221 -16.22 -1.84 -7.21
CA ARG B 221 -16.63 -0.86 -8.20
C ARG B 221 -15.44 -0.47 -9.07
N SER B 222 -14.30 -0.26 -8.42
CA SER B 222 -13.09 0.14 -9.13
C SER B 222 -12.60 -0.95 -10.07
N ARG B 223 -12.82 -2.21 -9.70
CA ARG B 223 -12.37 -3.33 -10.50
C ARG B 223 -13.17 -3.47 -11.79
N ILE B 224 -14.41 -3.02 -11.78
CA ILE B 224 -15.25 -3.09 -12.98
C ILE B 224 -14.63 -2.27 -14.09
N TYR B 225 -14.04 -1.14 -13.73
CA TYR B 225 -13.34 -0.31 -14.71
C TYR B 225 -12.04 -0.98 -15.14
N ASP B 226 -11.33 -1.59 -14.19
CA ASP B 226 -10.07 -2.27 -14.48
C ASP B 226 -10.28 -3.43 -15.46
N ILE B 227 -11.44 -4.08 -15.36
CA ILE B 227 -11.77 -5.19 -16.25
C ILE B 227 -11.86 -4.72 -17.71
N GLN B 228 -12.57 -3.62 -17.93
CA GLN B 228 -12.69 -3.05 -19.27
C GLN B 228 -11.32 -2.70 -19.83
N ILE B 229 -10.49 -2.10 -18.99
CA ILE B 229 -9.14 -1.69 -19.39
C ILE B 229 -8.29 -2.92 -19.67
N ARG B 230 -8.51 -3.99 -18.91
CA ARG B 230 -7.76 -5.22 -19.11
C ARG B 230 -8.08 -5.83 -20.46
N ASP B 231 -9.38 -5.92 -20.78
CA ASP B 231 -9.83 -6.51 -22.03
C ASP B 231 -9.40 -5.67 -23.23
N PHE B 232 -9.35 -4.36 -23.03
CA PHE B 232 -8.93 -3.44 -24.09
C PHE B 232 -7.46 -3.67 -24.41
N ILE B 233 -6.68 -4.00 -23.38
CA ILE B 233 -5.25 -4.26 -23.55
C ILE B 233 -5.04 -5.61 -24.24
N HIS B 234 -5.89 -6.58 -23.93
CA HIS B 234 -5.78 -7.91 -24.52
C HIS B 234 -6.11 -7.86 -26.01
N LYS B 235 -7.10 -7.06 -26.35
CA LYS B 235 -7.51 -6.89 -27.73
C LYS B 235 -6.38 -6.24 -28.54
N VAL B 236 -5.89 -5.09 -28.05
CA VAL B 236 -4.83 -4.36 -28.72
C VAL B 236 -3.52 -5.12 -28.67
N GLY B 237 -3.29 -5.84 -27.58
CA GLY B 237 -2.06 -6.57 -27.39
C GLY B 237 -1.07 -5.78 -26.55
N PHE B 238 -0.27 -6.49 -25.76
CA PHE B 238 0.73 -5.84 -24.93
C PHE B 238 1.84 -5.25 -25.78
N GLU B 239 2.03 -5.81 -26.97
CA GLU B 239 3.11 -5.39 -27.85
C GLU B 239 2.94 -3.95 -28.35
N ARG B 240 1.70 -3.55 -28.64
CA ARG B 240 1.44 -2.26 -29.27
C ARG B 240 0.50 -1.36 -28.45
N ILE B 241 0.33 -1.68 -27.16
CA ILE B 241 -0.57 -0.92 -26.30
C ILE B 241 -0.06 0.49 -26.03
N SER B 242 1.26 0.64 -25.98
CA SER B 242 1.87 1.94 -25.67
C SER B 242 1.57 2.94 -26.79
N LEU B 243 1.75 2.52 -28.02
CA LEU B 243 1.51 3.39 -29.17
C LEU B 243 0.04 3.75 -29.30
N ARG B 244 -0.83 2.76 -29.04
CA ARG B 244 -2.27 2.94 -29.18
C ARG B 244 -2.78 4.06 -28.27
N VAL B 245 -2.30 4.08 -27.03
CA VAL B 245 -2.76 5.04 -26.05
C VAL B 245 -2.03 6.37 -26.19
N VAL B 246 -0.70 6.31 -26.28
CA VAL B 246 0.11 7.51 -26.38
C VAL B 246 0.37 7.85 -27.85
N GLU B 254 -12.51 1.55 -23.99
CA GLU B 254 -12.24 2.14 -22.68
C GLU B 254 -12.80 3.55 -22.60
N PHE B 255 -13.88 3.80 -23.33
CA PHE B 255 -14.49 5.13 -23.40
C PHE B 255 -15.97 5.09 -23.03
N LYS B 256 -16.56 3.90 -23.05
CA LYS B 256 -17.98 3.73 -22.75
C LYS B 256 -18.20 3.41 -21.28
N LYS B 257 -19.44 3.56 -20.84
CA LYS B 257 -19.81 3.18 -19.48
C LYS B 257 -19.78 1.66 -19.36
N PRO B 258 -19.08 1.13 -18.33
CA PRO B 258 -18.96 -0.33 -18.22
C PRO B 258 -20.28 -1.02 -17.86
N ASP B 259 -20.32 -2.34 -17.98
CA ASP B 259 -21.53 -3.12 -17.78
C ASP B 259 -22.27 -2.71 -16.50
N PHE B 260 -21.61 -2.86 -15.37
CA PHE B 260 -22.16 -2.45 -14.07
C PHE B 260 -23.48 -3.13 -13.71
N SER B 261 -23.88 -4.14 -14.48
CA SER B 261 -25.08 -4.90 -14.16
C SER B 261 -24.83 -5.66 -12.87
N LEU B 262 -25.90 -6.05 -12.19
CA LEU B 262 -25.78 -6.80 -10.95
C LEU B 262 -25.10 -8.15 -11.20
N ALA B 263 -25.23 -8.67 -12.41
CA ALA B 263 -24.60 -9.93 -12.77
C ALA B 263 -23.09 -9.76 -12.89
N HIS B 264 -22.67 -8.64 -13.48
CA HIS B 264 -21.25 -8.39 -13.74
C HIS B 264 -20.50 -8.12 -12.44
N LEU B 265 -21.16 -7.43 -11.51
CA LEU B 265 -20.57 -7.11 -10.21
C LEU B 265 -20.35 -8.39 -9.39
N ILE B 266 -21.34 -9.28 -9.41
CA ILE B 266 -21.25 -10.55 -8.71
C ILE B 266 -20.14 -11.41 -9.33
N GLU B 267 -20.03 -11.35 -10.65
CA GLU B 267 -18.98 -12.09 -11.36
C GLU B 267 -17.61 -11.62 -10.92
N SER B 268 -17.44 -10.30 -10.82
CA SER B 268 -16.17 -9.73 -10.41
C SER B 268 -15.88 -10.07 -8.95
N GLY B 269 -16.88 -9.93 -8.10
CA GLY B 269 -16.72 -10.18 -6.67
C GLY B 269 -16.23 -11.58 -6.37
N ASN B 270 -16.78 -12.57 -7.07
CA ASN B 270 -16.37 -13.95 -6.87
C ASN B 270 -14.94 -14.19 -7.33
N LEU B 271 -14.52 -13.44 -8.35
CA LEU B 271 -13.15 -13.54 -8.85
C LEU B 271 -12.16 -12.86 -7.91
N VAL B 272 -12.65 -11.89 -7.13
CA VAL B 272 -11.81 -11.23 -6.13
C VAL B 272 -11.68 -12.11 -4.90
N LEU B 273 -12.76 -12.80 -4.56
CA LEU B 273 -12.77 -13.69 -3.39
C LEU B 273 -11.89 -14.91 -3.63
N GLY B 274 -11.71 -15.26 -4.89
CA GLY B 274 -10.85 -16.37 -5.26
C GLY B 274 -9.39 -16.00 -5.19
N GLU B 275 -9.12 -14.70 -5.31
CA GLU B 275 -7.76 -14.18 -5.21
C GLU B 275 -7.77 -12.83 -4.51
N GLN B 276 -7.79 -12.87 -3.17
CA GLN B 276 -7.87 -11.67 -2.35
C GLN B 276 -6.49 -11.28 -1.81
N GLN B 277 -6.26 -11.49 -0.51
CA GLN B 277 -5.00 -11.12 0.13
C GLN B 277 -4.19 -12.35 0.50
CL CL C . 8.29 -26.24 2.13
CL CL D . 7.76 17.60 -1.08
PB ADP E . -11.26 2.08 8.58
O1B ADP E . -10.99 3.48 8.92
O2B ADP E . -12.31 1.36 9.31
O3B ADP E . -10.20 1.26 7.97
PA ADP E . -12.13 3.37 6.11
O1A ADP E . -10.69 3.56 5.84
O2A ADP E . -12.97 4.55 6.33
O3A ADP E . -12.26 2.33 7.34
O5' ADP E . -12.68 2.45 4.90
C5' ADP E . -11.99 2.20 3.67
C4' ADP E . -12.93 2.98 2.72
O4' ADP E . -13.98 2.00 2.16
C3' ADP E . -13.50 4.34 2.62
O3' ADP E . -12.47 5.24 2.33
C2' ADP E . -14.20 3.81 1.18
O2' ADP E . -13.28 3.65 0.01
C1' ADP E . -15.09 2.64 1.40
N9 ADP E . -15.98 3.47 2.32
C8 ADP E . -16.08 3.35 3.66
N7 ADP E . -17.09 4.11 4.09
C5 ADP E . -17.72 4.61 3.04
C6 ADP E . -18.79 5.40 2.94
N6 ADP E . -19.38 5.79 4.08
N1 ADP E . -19.27 5.82 1.77
C2 ADP E . -18.61 5.38 0.61
N3 ADP E . -17.50 4.55 0.73
C4 ADP E . -17.07 4.17 1.94
H5'1 ADP E . -11.98 1.13 3.43
H5'2 ADP E . -10.99 2.62 3.69
H4' ADP E . -12.28 3.00 1.84
H3' ADP E . -14.22 4.57 3.41
HO3' ADP E . -12.05 5.00 1.46
H2' ADP E . -14.85 4.64 0.86
HO2' ADP E . -12.58 2.97 0.23
H1' ADP E . -15.45 2.21 0.47
H8 ADP E . -15.38 2.81 4.29
HN61 ADP E . -19.02 5.48 4.96
HN62 ADP E . -20.18 6.38 4.04
H2 ADP E . -18.98 5.69 -0.37
CL CL F . -19.26 -12.82 2.08
#